data_7QTW
#
_entry.id   7QTW
#
_cell.length_a   89.476
_cell.length_b   89.476
_cell.length_c   51.056
_cell.angle_alpha   90.000
_cell.angle_beta   90.000
_cell.angle_gamma   120.000
#
_symmetry.space_group_name_H-M   'P 64'
#
loop_
_entity.id
_entity.type
_entity.pdbx_description
1 polymer Bcl-2
2 polymer 'BH3-interacting domain death agonist p15'
3 non-polymer 1,2-ETHANEDIOL
4 water water
#
loop_
_entity_poly.entity_id
_entity_poly.type
_entity_poly.pdbx_seq_one_letter_code
_entity_poly.pdbx_strand_id
1 'polypeptide(L)'
;GPLGSMDEDVLPGEVLAIEGIFMACGLNEPEYLYHPLLSPIKLYITGLMRDKESLFEAMLANVRFHSTTGINQLGLSMLQ
VSGDGNMNWGRALAILTFGSFVAQKLSNEPHLRDFALAVLPAYAYEAIGPQWFRARGGWRGLKAYCTQVLT
;
A
2 'polypeptide(L)' SESQEDIIRNIARHLAQVGDSMDRSIPPGLVNGL B
#
loop_
_chem_comp.id
_chem_comp.type
_chem_comp.name
_chem_comp.formula
EDO non-polymer 1,2-ETHANEDIOL 'C2 H6 O2'
#
# COMPACT_ATOMS: atom_id res chain seq x y z
N MET A 6 -14.09 16.47 -11.54
CA MET A 6 -12.80 17.16 -11.27
C MET A 6 -12.46 17.14 -9.79
N ASP A 7 -11.61 16.20 -9.39
CA ASP A 7 -11.06 16.15 -8.03
C ASP A 7 -9.61 16.65 -8.02
N GLU A 8 -9.42 17.84 -8.59
CA GLU A 8 -8.07 18.40 -8.70
C GLU A 8 -7.56 18.94 -7.38
N ASP A 9 -8.42 19.57 -6.58
CA ASP A 9 -7.99 20.04 -5.28
C ASP A 9 -7.64 18.91 -4.33
N VAL A 10 -7.90 17.66 -4.72
CA VAL A 10 -7.89 16.52 -3.81
C VAL A 10 -6.69 15.61 -4.04
N LEU A 11 -6.27 15.41 -5.28
CA LEU A 11 -5.15 14.51 -5.55
C LEU A 11 -3.88 14.80 -4.76
N PRO A 12 -3.44 16.05 -4.62
CA PRO A 12 -2.28 16.28 -3.76
C PRO A 12 -2.49 15.77 -2.34
N GLY A 13 -3.69 15.93 -1.82
CA GLY A 13 -3.93 15.53 -0.44
C GLY A 13 -3.99 14.03 -0.27
N GLU A 14 -4.40 13.34 -1.32
CA GLU A 14 -4.46 11.88 -1.27
C GLU A 14 -3.07 11.30 -1.27
N VAL A 15 -2.20 11.85 -2.14
CA VAL A 15 -0.83 11.36 -2.20
C VAL A 15 -0.13 11.65 -0.90
N LEU A 16 -0.40 12.81 -0.31
CA LEU A 16 0.23 13.15 0.95
C LEU A 16 -0.24 12.26 2.09
N ALA A 17 -1.53 11.92 2.14
CA ALA A 17 -2.05 11.04 3.18
C ALA A 17 -1.41 9.65 3.11
N ILE A 18 -1.30 9.10 1.92
CA ILE A 18 -0.61 7.83 1.71
C ILE A 18 0.87 7.92 2.10
N GLU A 19 1.56 8.98 1.71
CA GLU A 19 2.94 9.16 2.15
C GLU A 19 3.02 9.18 3.66
N GLY A 20 2.03 9.78 4.34
CA GLY A 20 2.08 9.79 5.78
C GLY A 20 1.88 8.41 6.39
N ILE A 21 1.14 7.53 5.71
CA ILE A 21 1.05 6.14 6.15
C ILE A 21 2.42 5.48 6.06
N PHE A 22 3.11 5.66 4.94
CA PHE A 22 4.44 5.07 4.80
C PHE A 22 5.40 5.65 5.83
N MET A 23 5.32 6.97 6.08
CA MET A 23 6.15 7.60 7.11
C MET A 23 5.81 7.02 8.48
N ALA A 24 4.52 6.94 8.79
CA ALA A 24 4.15 6.52 10.14
C ALA A 24 4.44 5.02 10.35
N CYS A 25 3.94 4.19 9.43
CA CYS A 25 4.00 2.73 9.62
C CYS A 25 5.35 2.15 9.23
N GLY A 26 5.93 2.66 8.15
CA GLY A 26 7.19 2.16 7.67
C GLY A 26 8.38 2.70 8.43
N LEU A 27 8.38 4.00 8.70
CA LEU A 27 9.55 4.68 9.23
C LEU A 27 9.36 5.16 10.66
N ASN A 28 8.17 4.97 11.23
CA ASN A 28 7.90 5.35 12.62
C ASN A 28 8.28 6.79 12.91
N GLU A 29 7.87 7.67 12.01
CA GLU A 29 8.17 9.09 12.08
C GLU A 29 6.94 9.93 11.83
N PRO A 30 6.95 11.20 12.27
CA PRO A 30 5.78 12.06 12.08
C PRO A 30 5.59 12.45 10.62
N GLU A 31 4.37 12.89 10.31
CA GLU A 31 4.02 13.31 8.96
C GLU A 31 3.77 14.83 8.95
N TYR A 32 3.30 15.34 7.82
CA TYR A 32 3.25 16.79 7.66
C TYR A 32 1.96 17.37 8.19
N LEU A 33 0.86 16.63 8.08
CA LEU A 33 -0.43 17.13 8.52
C LEU A 33 -1.13 16.07 9.36
N TYR A 34 -2.07 16.53 10.18
CA TYR A 34 -2.79 15.65 11.08
C TYR A 34 -3.95 15.02 10.31
N HIS A 35 -3.99 13.68 10.27
CA HIS A 35 -5.04 12.95 9.58
C HIS A 35 -5.74 12.06 10.62
N PRO A 36 -6.68 12.62 11.38
CA PRO A 36 -7.31 11.82 12.47
C PRO A 36 -7.99 10.55 11.97
N LEU A 37 -8.61 10.60 10.78
CA LEU A 37 -9.33 9.40 10.35
C LEU A 37 -8.38 8.24 10.13
N LEU A 38 -7.13 8.52 9.84
CA LEU A 38 -6.17 7.50 9.54
C LEU A 38 -5.48 6.88 10.78
N SER A 39 -5.76 7.39 11.99
CA SER A 39 -5.09 6.85 13.16
C SER A 39 -5.42 5.37 13.29
N PRO A 40 -6.67 4.94 13.19
CA PRO A 40 -6.95 3.49 13.37
C PRO A 40 -6.46 2.66 12.19
N ILE A 41 -6.35 3.31 11.02
CA ILE A 41 -5.90 2.62 9.82
C ILE A 41 -4.41 2.35 9.93
N LYS A 42 -3.66 3.31 10.43
CA LYS A 42 -2.23 3.12 10.68
C LYS A 42 -1.98 2.05 11.74
N LEU A 43 -2.76 2.04 12.82
CA LEU A 43 -2.61 1.00 13.84
C LEU A 43 -2.85 -0.36 13.22
N TYR A 44 -3.88 -0.47 12.39
CA TYR A 44 -4.22 -1.74 11.75
C TYR A 44 -3.05 -2.19 10.87
N ILE A 45 -2.50 -1.28 10.09
CA ILE A 45 -1.38 -1.61 9.22
C ILE A 45 -0.15 -2.02 10.02
N THR A 46 0.14 -1.30 11.10
CA THR A 46 1.27 -1.69 11.93
C THR A 46 1.09 -3.09 12.47
N GLY A 47 -0.17 -3.46 12.78
CA GLY A 47 -0.45 -4.82 13.24
C GLY A 47 -0.26 -5.86 12.14
N LEU A 48 -0.72 -5.55 10.91
CA LEU A 48 -0.47 -6.46 9.80
C LEU A 48 1.02 -6.64 9.59
N MET A 49 1.78 -5.56 9.68
CA MET A 49 3.23 -5.64 9.44
C MET A 49 3.91 -6.55 10.47
N ARG A 50 3.47 -6.47 11.73
CA ARG A 50 4.05 -7.33 12.76
C ARG A 50 3.65 -8.78 12.54
N ASP A 51 2.36 -9.02 12.29
CA ASP A 51 1.85 -10.38 12.24
C ASP A 51 2.13 -11.08 10.92
N LYS A 52 2.52 -10.33 9.88
CA LYS A 52 2.76 -10.91 8.56
C LYS A 52 4.11 -10.51 7.99
N GLU A 53 5.07 -10.16 8.86
CA GLU A 53 6.37 -9.70 8.39
C GLU A 53 7.04 -10.73 7.46
N SER A 54 7.05 -11.99 7.88
CA SER A 54 7.77 -13.01 7.10
C SER A 54 7.20 -13.11 5.69
N LEU A 55 5.89 -12.98 5.56
CA LEU A 55 5.26 -13.06 4.25
C LEU A 55 5.76 -11.96 3.32
N PHE A 56 5.77 -10.71 3.80
CA PHE A 56 6.21 -9.62 2.94
C PHE A 56 7.70 -9.73 2.63
N GLU A 57 8.53 -10.02 3.64
CA GLU A 57 9.95 -10.14 3.37
C GLU A 57 10.24 -11.23 2.35
N ALA A 58 9.41 -12.28 2.32
CA ALA A 58 9.59 -13.34 1.34
C ALA A 58 9.15 -12.92 -0.06
N MET A 59 8.18 -11.98 -0.15
CA MET A 59 7.78 -11.49 -1.47
C MET A 59 8.98 -10.90 -2.22
N LEU A 60 9.87 -10.22 -1.50
CA LEU A 60 11.02 -9.54 -2.08
C LEU A 60 12.31 -10.35 -1.93
N ALA A 61 12.20 -11.65 -1.69
CA ALA A 61 13.36 -12.45 -1.29
C ALA A 61 14.44 -12.40 -2.34
N ASN A 62 14.09 -12.69 -3.59
CA ASN A 62 15.05 -12.69 -4.70
C ASN A 62 14.82 -11.51 -5.64
N VAL A 63 14.42 -10.37 -5.08
CA VAL A 63 14.16 -9.16 -5.84
C VAL A 63 15.16 -8.10 -5.40
N ARG A 64 15.94 -7.56 -6.37
CA ARG A 64 16.96 -6.56 -6.08
C ARG A 64 16.29 -5.19 -6.16
N PHE A 65 15.58 -4.83 -5.10
CA PHE A 65 14.77 -3.63 -5.12
C PHE A 65 15.45 -2.40 -4.50
N HIS A 66 16.67 -2.51 -4.00
CA HIS A 66 17.36 -1.38 -3.39
C HIS A 66 18.03 -0.52 -4.48
N SER A 67 17.19 0.04 -5.33
CA SER A 67 17.59 0.87 -6.45
C SER A 67 16.36 1.59 -6.94
N THR A 68 16.60 2.66 -7.75
CA THR A 68 15.45 3.40 -8.25
C THR A 68 14.66 2.55 -9.22
N THR A 69 15.32 1.75 -10.07
CA THR A 69 14.57 0.89 -10.97
C THR A 69 13.79 -0.16 -10.19
N GLY A 70 14.40 -0.72 -9.15
CA GLY A 70 13.67 -1.71 -8.37
C GLY A 70 12.49 -1.14 -7.61
N ILE A 71 12.64 0.06 -7.04
CA ILE A 71 11.52 0.71 -6.36
C ILE A 71 10.40 0.97 -7.36
N ASN A 72 10.76 1.50 -8.53
CA ASN A 72 9.77 1.67 -9.59
C ASN A 72 9.03 0.36 -9.90
N GLN A 73 9.75 -0.76 -9.99
CA GLN A 73 9.10 -2.01 -10.31
C GLN A 73 8.09 -2.40 -9.24
N LEU A 74 8.37 -2.05 -8.00
CA LEU A 74 7.42 -2.35 -6.92
C LEU A 74 6.15 -1.49 -7.07
N GLY A 75 6.33 -0.23 -7.49
CA GLY A 75 5.19 0.61 -7.78
C GLY A 75 4.37 0.08 -8.93
N LEU A 76 5.05 -0.38 -10.00
CA LEU A 76 4.33 -1.02 -11.10
C LEU A 76 3.61 -2.27 -10.62
N SER A 77 4.21 -2.99 -9.67
CA SER A 77 3.54 -4.17 -9.13
C SER A 77 2.26 -3.81 -8.42
N MET A 78 2.26 -2.68 -7.70
CA MET A 78 1.01 -2.27 -7.08
C MET A 78 -0.05 -2.03 -8.12
N LEU A 79 0.30 -1.35 -9.22
CA LEU A 79 -0.68 -1.09 -10.25
C LEU A 79 -1.26 -2.37 -10.83
N GLN A 80 -0.45 -3.45 -10.87
CA GLN A 80 -0.92 -4.68 -11.50
C GLN A 80 -1.77 -5.53 -10.56
N VAL A 81 -1.85 -5.17 -9.27
CA VAL A 81 -2.71 -5.94 -8.36
C VAL A 81 -4.13 -6.04 -8.91
N SER A 82 -4.65 -4.95 -9.44
CA SER A 82 -5.98 -4.91 -10.04
C SER A 82 -6.00 -5.40 -11.49
N GLY A 83 -4.96 -6.10 -11.95
CA GLY A 83 -4.93 -6.53 -13.34
C GLY A 83 -6.13 -7.37 -13.73
N ASP A 84 -6.67 -8.15 -12.78
CA ASP A 84 -7.81 -8.99 -13.07
C ASP A 84 -9.13 -8.22 -13.05
N GLY A 85 -9.09 -6.90 -12.85
CA GLY A 85 -10.28 -6.08 -12.81
C GLY A 85 -10.94 -5.97 -11.46
N ASN A 86 -10.38 -6.61 -10.42
CA ASN A 86 -10.98 -6.60 -9.10
C ASN A 86 -10.18 -5.70 -8.16
N MET A 87 -10.91 -5.04 -7.26
CA MET A 87 -10.31 -4.33 -6.16
C MET A 87 -11.20 -4.60 -4.94
N ASN A 88 -10.57 -4.62 -3.78
CA ASN A 88 -11.36 -4.78 -2.55
C ASN A 88 -10.53 -4.20 -1.42
N TRP A 89 -11.15 -4.08 -0.25
CA TRP A 89 -10.45 -3.44 0.86
C TRP A 89 -9.19 -4.20 1.26
N GLY A 90 -9.24 -5.54 1.22
CA GLY A 90 -8.07 -6.30 1.60
C GLY A 90 -6.88 -5.98 0.72
N ARG A 91 -7.10 -5.88 -0.58
CA ARG A 91 -6.04 -5.55 -1.52
C ARG A 91 -5.53 -4.14 -1.27
N ALA A 92 -6.42 -3.18 -1.05
CA ALA A 92 -6.02 -1.81 -0.71
C ALA A 92 -5.10 -1.80 0.47
N LEU A 93 -5.51 -2.50 1.57
CA LEU A 93 -4.65 -2.56 2.74
C LEU A 93 -3.34 -3.28 2.43
N ALA A 94 -3.38 -4.30 1.57
CA ALA A 94 -2.15 -5.00 1.23
C ALA A 94 -1.19 -4.07 0.51
N ILE A 95 -1.74 -3.24 -0.39
CA ILE A 95 -0.90 -2.25 -1.11
C ILE A 95 -0.25 -1.27 -0.13
N LEU A 96 -1.04 -0.77 0.83
CA LEU A 96 -0.53 0.24 1.75
C LEU A 96 0.49 -0.40 2.70
N THR A 97 0.24 -1.66 3.10
CA THR A 97 1.18 -2.36 3.97
C THR A 97 2.48 -2.65 3.25
N PHE A 98 2.39 -3.01 1.98
CA PHE A 98 3.58 -3.33 1.20
C PHE A 98 4.43 -2.08 1.00
N GLY A 99 3.79 -0.96 0.65
CA GLY A 99 4.52 0.29 0.55
C GLY A 99 5.22 0.65 1.84
N SER A 100 4.55 0.42 2.99
CA SER A 100 5.16 0.73 4.26
C SER A 100 6.34 -0.17 4.52
N PHE A 101 6.23 -1.45 4.15
CA PHE A 101 7.36 -2.34 4.32
C PHE A 101 8.53 -1.90 3.47
N VAL A 102 8.25 -1.41 2.26
CA VAL A 102 9.35 -1.01 1.38
C VAL A 102 10.10 0.18 1.99
N ALA A 103 9.34 1.16 2.50
CA ALA A 103 9.95 2.28 3.19
C ALA A 103 10.78 1.81 4.35
N GLN A 104 10.23 0.92 5.18
CA GLN A 104 10.98 0.42 6.32
C GLN A 104 12.31 -0.19 5.89
N LYS A 105 12.27 -1.00 4.85
CA LYS A 105 13.49 -1.70 4.44
C LYS A 105 14.53 -0.75 3.85
N LEU A 106 14.12 0.45 3.43
CA LEU A 106 15.03 1.46 2.89
C LEU A 106 15.44 2.48 3.94
N SER A 107 15.15 2.23 5.22
CA SER A 107 15.27 3.29 6.20
C SER A 107 16.71 3.69 6.46
N ASN A 108 17.68 2.87 6.09
CA ASN A 108 19.09 3.20 6.28
C ASN A 108 19.75 3.71 5.01
N GLU A 109 18.95 3.97 3.97
CA GLU A 109 19.45 4.43 2.66
C GLU A 109 18.64 5.68 2.32
N PRO A 110 19.03 6.84 2.85
CA PRO A 110 18.19 8.05 2.70
C PRO A 110 17.76 8.39 1.28
N HIS A 111 18.68 8.34 0.31
CA HIS A 111 18.29 8.74 -1.04
C HIS A 111 17.24 7.80 -1.59
N LEU A 112 17.37 6.50 -1.36
CA LEU A 112 16.38 5.58 -1.87
C LEU A 112 15.08 5.69 -1.08
N ARG A 113 15.16 5.82 0.24
CA ARG A 113 13.97 6.03 1.06
C ARG A 113 13.18 7.23 0.54
N ASP A 114 13.89 8.34 0.30
CA ASP A 114 13.21 9.57 -0.11
C ASP A 114 12.63 9.40 -1.51
N PHE A 115 13.30 8.63 -2.36
CA PHE A 115 12.74 8.31 -3.68
C PHE A 115 11.46 7.50 -3.52
N ALA A 116 11.49 6.48 -2.69
CA ALA A 116 10.30 5.70 -2.48
C ALA A 116 9.13 6.54 -1.97
N LEU A 117 9.40 7.42 -1.03
CA LEU A 117 8.33 8.30 -0.52
C LEU A 117 7.85 9.30 -1.60
N ALA A 118 8.66 9.61 -2.60
CA ALA A 118 8.28 10.52 -3.68
C ALA A 118 7.49 9.87 -4.80
N VAL A 119 7.57 8.54 -4.97
CA VAL A 119 6.88 7.89 -6.08
C VAL A 119 5.86 6.84 -5.64
N LEU A 120 6.12 6.12 -4.53
CA LEU A 120 5.20 5.03 -4.23
C LEU A 120 3.81 5.53 -3.81
N PRO A 121 3.70 6.68 -3.12
CA PRO A 121 2.36 7.17 -2.79
C PRO A 121 1.50 7.37 -4.01
N ALA A 122 2.07 7.95 -5.10
CA ALA A 122 1.27 8.10 -6.30
C ALA A 122 0.93 6.76 -6.94
N TYR A 123 1.87 5.82 -6.92
CA TYR A 123 1.56 4.49 -7.46
C TYR A 123 0.45 3.84 -6.66
N ALA A 124 0.50 3.96 -5.32
CA ALA A 124 -0.51 3.33 -4.49
C ALA A 124 -1.86 3.99 -4.69
N TYR A 125 -1.87 5.33 -4.82
CA TYR A 125 -3.11 6.03 -5.10
C TYR A 125 -3.73 5.48 -6.38
N GLU A 126 -2.95 5.33 -7.43
CA GLU A 126 -3.52 4.82 -8.66
C GLU A 126 -3.90 3.35 -8.53
N ALA A 127 -3.11 2.58 -7.78
CA ALA A 127 -3.37 1.13 -7.67
C ALA A 127 -4.68 0.85 -6.94
N ILE A 128 -4.97 1.65 -5.91
CA ILE A 128 -6.23 1.49 -5.19
C ILE A 128 -7.40 1.87 -6.07
N GLY A 129 -7.25 2.95 -6.84
CA GLY A 129 -8.31 3.42 -7.69
C GLY A 129 -9.09 4.53 -7.05
N PRO A 130 -8.76 5.79 -7.37
CA PRO A 130 -9.48 6.89 -6.69
C PRO A 130 -10.98 6.84 -6.86
N GLN A 131 -11.49 6.44 -8.02
CA GLN A 131 -12.95 6.40 -8.17
C GLN A 131 -13.52 5.29 -7.31
N TRP A 132 -12.88 4.12 -7.32
CA TRP A 132 -13.32 2.98 -6.54
C TRP A 132 -13.35 3.35 -5.07
N PHE A 133 -12.30 4.02 -4.61
CA PHE A 133 -12.13 4.37 -3.21
C PHE A 133 -13.18 5.38 -2.80
N ARG A 134 -13.39 6.42 -3.61
CA ARG A 134 -14.36 7.45 -3.27
C ARG A 134 -15.77 6.88 -3.20
N ALA A 135 -16.13 6.00 -4.14
CA ALA A 135 -17.48 5.45 -4.19
C ALA A 135 -17.82 4.64 -2.93
N ARG A 136 -16.81 4.29 -2.15
CA ARG A 136 -16.95 3.49 -0.95
C ARG A 136 -16.65 4.30 0.30
N GLY A 137 -16.70 5.63 0.20
CA GLY A 137 -16.51 6.47 1.36
C GLY A 137 -15.09 6.81 1.67
N GLY A 138 -14.15 6.40 0.83
CA GLY A 138 -12.79 6.83 0.94
C GLY A 138 -12.25 6.47 2.30
N TRP A 139 -11.55 7.41 2.91
CA TRP A 139 -10.87 7.07 4.16
C TRP A 139 -11.85 6.83 5.29
N ARG A 140 -13.04 7.44 5.24
CA ARG A 140 -14.06 7.15 6.25
C ARG A 140 -14.54 5.71 6.11
N GLY A 141 -14.72 5.25 4.88
CA GLY A 141 -15.03 3.86 4.64
C GLY A 141 -13.97 2.93 5.17
N LEU A 142 -12.71 3.24 4.90
CA LEU A 142 -11.60 2.35 5.31
C LEU A 142 -11.46 2.38 6.83
N LYS A 143 -11.66 3.54 7.44
CA LYS A 143 -11.64 3.61 8.90
C LYS A 143 -12.74 2.73 9.50
N ALA A 144 -13.92 2.74 8.92
CA ALA A 144 -15.02 1.89 9.41
C ALA A 144 -14.70 0.41 9.21
N TYR A 145 -14.17 0.04 8.04
CA TYR A 145 -13.77 -1.35 7.83
C TYR A 145 -12.80 -1.78 8.92
N CYS A 146 -11.75 -0.96 9.16
CA CYS A 146 -10.70 -1.30 10.09
C CYS A 146 -11.18 -1.36 11.55
N THR A 147 -12.20 -0.61 11.91
CA THR A 147 -12.68 -0.60 13.29
C THR A 147 -13.84 -1.57 13.56
N GLN A 148 -14.64 -1.86 12.55
CA GLN A 148 -15.85 -2.63 12.74
C GLN A 148 -15.66 -4.12 12.56
N VAL A 149 -14.55 -4.53 11.97
CA VAL A 149 -14.44 -5.91 11.49
C VAL A 149 -13.24 -6.60 12.12
N LEU A 150 -13.46 -7.85 12.56
CA LEU A 150 -12.37 -8.67 13.05
C LEU A 150 -11.38 -8.95 11.95
N THR A 151 -10.12 -8.93 12.30
CA THR A 151 -9.06 -9.27 11.34
C THR A 151 -9.26 -10.71 10.85
N GLU B 2 12.92 -13.29 -14.28
CA GLU B 2 14.08 -12.44 -14.52
C GLU B 2 13.67 -11.18 -15.30
N SER B 3 12.68 -11.35 -16.18
CA SER B 3 12.12 -10.22 -16.92
C SER B 3 11.44 -9.25 -15.96
N GLN B 4 11.59 -7.95 -16.21
CA GLN B 4 10.84 -6.98 -15.41
C GLN B 4 9.35 -7.32 -15.44
N GLU B 5 8.83 -7.68 -16.61
CA GLU B 5 7.42 -7.98 -16.71
C GLU B 5 7.07 -9.20 -15.87
N ASP B 6 7.93 -10.24 -15.87
CA ASP B 6 7.70 -11.41 -15.02
C ASP B 6 7.80 -11.05 -13.54
N ILE B 7 8.80 -10.28 -13.15
CA ILE B 7 8.94 -9.85 -11.76
C ILE B 7 7.66 -9.16 -11.32
N ILE B 8 7.19 -8.20 -12.12
CA ILE B 8 6.03 -7.39 -11.75
C ILE B 8 4.80 -8.27 -11.65
N ARG B 9 4.60 -9.13 -12.63
CA ARG B 9 3.45 -10.04 -12.63
C ARG B 9 3.43 -10.90 -11.38
N ASN B 10 4.58 -11.46 -11.01
CA ASN B 10 4.60 -12.37 -9.86
C ASN B 10 4.34 -11.63 -8.55
N ILE B 11 4.98 -10.48 -8.35
CA ILE B 11 4.75 -9.71 -7.13
C ILE B 11 3.31 -9.29 -7.04
N ALA B 12 2.76 -8.80 -8.16
CA ALA B 12 1.36 -8.35 -8.14
C ALA B 12 0.44 -9.51 -7.79
N ARG B 13 0.71 -10.70 -8.37
CA ARG B 13 -0.14 -11.85 -8.07
C ARG B 13 -0.10 -12.17 -6.58
N HIS B 14 1.08 -12.14 -5.98
CA HIS B 14 1.19 -12.50 -4.57
C HIS B 14 0.51 -11.44 -3.71
N LEU B 15 0.63 -10.17 -4.12
CA LEU B 15 -0.01 -9.11 -3.36
C LEU B 15 -1.50 -9.23 -3.43
N ALA B 16 -2.02 -9.57 -4.61
CA ALA B 16 -3.46 -9.72 -4.76
C ALA B 16 -3.95 -10.90 -3.95
N GLN B 17 -3.16 -11.99 -3.92
CA GLN B 17 -3.54 -13.16 -3.15
C GLN B 17 -3.57 -12.85 -1.66
N VAL B 18 -2.55 -12.14 -1.17
CA VAL B 18 -2.56 -11.72 0.24
C VAL B 18 -3.76 -10.82 0.53
N GLY B 19 -4.00 -9.86 -0.36
CA GLY B 19 -5.14 -8.98 -0.16
C GLY B 19 -6.45 -9.76 -0.11
N ASP B 20 -6.62 -10.68 -1.07
CA ASP B 20 -7.84 -11.49 -1.17
C ASP B 20 -8.04 -12.35 0.06
N SER B 21 -6.95 -12.85 0.64
CA SER B 21 -7.06 -13.68 1.84
C SER B 21 -7.44 -12.86 3.05
N MET B 22 -6.95 -11.60 3.11
CA MET B 22 -7.21 -10.68 4.24
C MET B 22 -8.57 -10.03 4.15
N ASP B 23 -9.11 -9.96 2.93
CA ASP B 23 -10.33 -9.21 2.69
C ASP B 23 -11.51 -9.73 3.52
N ARG B 24 -12.21 -8.79 4.12
CA ARG B 24 -13.40 -9.07 4.91
C ARG B 24 -14.63 -8.32 4.40
N SER B 25 -14.61 -8.01 3.10
CA SER B 25 -15.78 -7.50 2.40
C SER B 25 -16.78 -8.63 2.19
N ILE B 26 -18.05 -8.25 2.04
CA ILE B 26 -19.06 -9.28 1.79
C ILE B 26 -18.68 -10.04 0.52
N PRO B 27 -18.57 -11.37 0.53
CA PRO B 27 -18.10 -12.10 -0.68
C PRO B 27 -19.21 -12.31 -1.69
N PRO B 28 -18.86 -12.66 -2.93
CA PRO B 28 -19.89 -12.88 -3.95
C PRO B 28 -20.67 -14.17 -3.76
N GLY B 29 -21.91 -14.16 -4.25
CA GLY B 29 -22.72 -15.37 -4.28
C GLY B 29 -22.51 -16.12 -5.61
C1 EDO C . -7.59 12.00 4.83
O1 EDO C . -8.28 13.16 5.30
C2 EDO C . -6.92 12.31 3.50
O2 EDO C . -7.91 12.70 2.54
H11 EDO C . -8.29 11.17 4.72
H12 EDO C . -6.84 11.70 5.56
HO1 EDO C . -8.71 12.97 6.15
H21 EDO C . -6.38 11.43 3.14
H22 EDO C . -6.20 13.11 3.62
HO2 EDO C . -7.48 12.95 1.70
C1 EDO D . -9.81 -0.27 -8.68
O1 EDO D . -9.13 0.32 -9.80
C2 EDO D . -10.98 -1.11 -9.17
O2 EDO D . -10.51 -2.30 -9.80
H11 EDO D . -10.16 0.52 -8.02
H12 EDO D . -9.12 -0.90 -8.12
HO1 EDO D . -8.46 0.94 -9.48
H21 EDO D . -11.59 -0.53 -9.88
H22 EDO D . -11.63 -1.38 -8.32
HO2 EDO D . -11.27 -2.78 -10.18
C1 EDO E . 1.87 4.64 13.89
O1 EDO E . 3.25 4.30 14.00
C2 EDO E . 1.04 3.38 13.62
O2 EDO E . 1.23 2.45 14.70
H11 EDO E . 1.73 5.36 13.08
H12 EDO E . 1.53 5.11 14.82
HO1 EDO E . 3.56 4.48 14.90
H21 EDO E . 1.35 2.92 12.68
H22 EDO E . -0.02 3.63 13.53
HO2 EDO E . 0.37 2.20 15.06
C1 EDO F . 4.58 8.27 14.62
O1 EDO F . 3.23 8.75 14.52
C2 EDO F . 5.39 9.31 15.39
O2 EDO F . 6.69 8.77 15.64
H11 EDO F . 5.01 8.12 13.62
H12 EDO F . 4.61 7.31 15.15
HO1 EDO F . 2.68 8.31 15.18
H21 EDO F . 4.90 9.56 16.33
H22 EDO F . 5.47 10.23 14.81
HO2 EDO F . 6.90 8.86 16.58
#